data_1L3W
#
_entry.id   1L3W
#
_cell.length_a   127.166
_cell.length_b   75.135
_cell.length_c   129.813
_cell.angle_alpha   90.00
_cell.angle_beta   105.50
_cell.angle_gamma   90.00
#
_symmetry.space_group_name_H-M   'C 1 2 1'
#
loop_
_entity.id
_entity.type
_entity.pdbx_description
1 polymer EP-cadherin
2 non-polymer 2-acetamido-2-deoxy-beta-D-glucopyranose
3 non-polymer 2-acetamido-2-deoxy-alpha-D-glucopyranose
4 non-polymer 'CALCIUM ION'
5 water water
#
_entity_poly.entity_id   1
_entity_poly.type   'polypeptide(L)'
_entity_poly.pdbx_seq_one_letter_code
;HHHHHHDWVIPPIKVSENERGPFPKRLVQIKSNKDRFNKVYYSITGQGADNPPQGVFRIEWETGWMLVTRPLDREEYDKY
VLSSHAVSENGSPVEEPMEITINVIDQNDNRPKFTQDVFRGSVREGVQPGTQVMAVSATDEDDNIDSLNGVLSYSILKQD
PEEPIPNLFTINRETGVISLIGTGLDREKFPEYTLTVQATDLEGAGLSVEGKAIIQITDANDNAPIFDPKTYTALVPENE
IGFEVQRLSVTDLDMPGTPAWQAVYKIRVNEGGFFNITTDPESNQGILTTAKGLDFELRKQYVLQITVENAEPFSVPLPT
STATVTVTVEDVNEAPFFVPAVSRVDVSEDLSRGEKIISLVAQDPDKQQIQKLSYFIGNDPARWLTVNKDNGIVTGNGNL
DRESEYVKNNTYTVIMLVTDDGVSVGTGTGTLILHVLDVNDNGPVPSPRVFTMCDQNPEPQVLTISDADIPPNTYPYKVS
LSHGSDLTWKAELDSKGTSMLLSPTQQLKKGDYSIYVLLSDAQNNPQLTVVNATVCSCEGKAIKCQ
;
_entity_poly.pdbx_strand_id   A
#
# COMPACT_ATOMS: atom_id res chain seq x y z
N ASP A 7 -87.74 -13.72 33.05
CA ASP A 7 -88.93 -12.88 32.71
C ASP A 7 -89.09 -12.55 31.23
N TRP A 8 -89.98 -11.60 31.07
CA TRP A 8 -90.38 -10.94 29.85
C TRP A 8 -89.56 -9.69 30.11
N VAL A 9 -88.32 -9.63 29.64
CA VAL A 9 -87.58 -8.43 29.94
C VAL A 9 -87.90 -7.26 29.07
N ILE A 10 -86.89 -6.47 28.75
CA ILE A 10 -87.12 -5.29 28.01
C ILE A 10 -85.89 -5.06 27.15
N PRO A 11 -86.05 -5.15 25.82
CA PRO A 11 -85.01 -5.00 24.80
C PRO A 11 -84.13 -3.77 24.90
N PRO A 12 -82.88 -3.88 24.47
CA PRO A 12 -81.94 -2.78 24.49
C PRO A 12 -82.48 -1.72 23.56
N ILE A 13 -82.13 -0.47 23.81
CA ILE A 13 -82.63 0.59 22.98
C ILE A 13 -81.56 1.26 22.15
N LYS A 14 -81.64 1.01 20.85
CA LYS A 14 -80.74 1.60 19.86
C LYS A 14 -81.13 3.08 19.70
N VAL A 15 -80.12 3.93 19.63
CA VAL A 15 -80.30 5.39 19.50
C VAL A 15 -79.25 5.89 18.54
N SER A 16 -79.61 6.78 17.62
CA SER A 16 -78.57 7.27 16.71
C SER A 16 -77.70 8.33 17.37
N GLU A 17 -76.56 8.59 16.76
CA GLU A 17 -75.61 9.54 17.29
C GLU A 17 -75.78 10.86 16.61
N ASN A 18 -75.44 11.93 17.31
CA ASN A 18 -75.54 13.24 16.69
C ASN A 18 -76.94 13.37 16.14
N GLU A 19 -77.88 13.04 17.01
CA GLU A 19 -79.29 13.12 16.69
C GLU A 19 -79.63 14.61 16.76
N ARG A 20 -80.70 15.03 16.09
CA ARG A 20 -81.02 16.44 16.12
C ARG A 20 -82.44 16.77 15.63
N GLY A 21 -83.21 17.32 16.55
CA GLY A 21 -84.58 17.70 16.27
C GLY A 21 -85.01 18.50 17.48
N PRO A 22 -86.29 18.46 17.84
CA PRO A 22 -86.73 19.23 19.01
C PRO A 22 -86.53 18.43 20.27
N PHE A 23 -85.79 18.93 21.23
CA PHE A 23 -85.70 17.94 22.32
C PHE A 23 -86.90 18.22 23.34
N PRO A 24 -87.46 17.32 24.16
CA PRO A 24 -87.18 15.91 24.33
C PRO A 24 -87.55 14.89 23.24
N LYS A 25 -87.25 13.63 23.59
CA LYS A 25 -87.55 12.56 22.74
C LYS A 25 -87.83 11.42 23.67
N ARG A 26 -89.06 10.96 23.54
CA ARG A 26 -89.55 9.86 24.30
C ARG A 26 -88.91 8.63 23.71
N LEU A 27 -88.41 7.76 24.59
CA LEU A 27 -87.82 6.52 24.16
C LEU A 27 -88.86 5.43 24.38
N VAL A 28 -89.24 5.25 25.65
CA VAL A 28 -90.23 4.24 26.03
C VAL A 28 -90.95 4.59 27.34
N GLN A 29 -92.05 3.88 27.57
CA GLN A 29 -92.87 4.07 28.76
C GLN A 29 -93.04 2.79 29.58
N ILE A 30 -92.82 2.92 30.89
CA ILE A 30 -92.93 1.79 31.80
C ILE A 30 -94.04 1.94 32.82
N LYS A 31 -94.66 0.81 33.19
CA LYS A 31 -95.75 0.82 34.15
C LYS A 31 -95.63 -0.30 35.19
N SER A 32 -95.84 0.05 36.46
CA SER A 32 -95.85 -0.97 37.51
C SER A 32 -97.33 -1.24 37.59
N ASN A 33 -97.73 -2.50 37.74
CA ASN A 33 -99.16 -2.80 37.79
C ASN A 33 -99.64 -2.86 39.22
N LYS A 34 -98.68 -2.78 40.11
CA LYS A 34 -98.96 -2.82 41.52
C LYS A 34 -99.47 -1.45 41.93
N ASP A 35 -100.02 -0.72 40.98
CA ASP A 35 -100.53 0.62 41.24
C ASP A 35 -102.00 0.66 41.62
N ARG A 36 -102.63 -0.51 41.71
CA ARG A 36 -104.03 -0.57 42.09
C ARG A 36 -104.18 0.07 43.47
N PHE A 37 -103.16 -0.09 44.31
CA PHE A 37 -103.22 0.42 45.68
C PHE A 37 -102.87 1.86 45.98
N ASN A 38 -101.73 2.35 45.54
CA ASN A 38 -101.46 3.75 45.84
C ASN A 38 -100.88 4.41 44.62
N LYS A 39 -100.38 5.62 44.80
CA LYS A 39 -99.80 6.28 43.65
C LYS A 39 -98.36 5.78 43.64
N VAL A 40 -97.85 5.49 42.44
CA VAL A 40 -96.47 5.00 42.29
C VAL A 40 -95.56 6.11 41.74
N TYR A 41 -94.36 6.24 42.29
CA TYR A 41 -93.42 7.26 41.85
C TYR A 41 -92.23 6.69 41.06
N TYR A 42 -92.19 6.98 39.76
CA TYR A 42 -91.14 6.50 38.88
C TYR A 42 -89.89 7.37 38.86
N SER A 43 -88.76 6.73 39.13
CA SER A 43 -87.46 7.37 39.13
C SER A 43 -86.53 6.46 38.34
N ILE A 44 -85.25 6.82 38.26
CA ILE A 44 -84.28 6.00 37.54
C ILE A 44 -82.85 6.42 37.89
N THR A 45 -81.93 5.44 37.91
CA THR A 45 -80.54 5.70 38.31
C THR A 45 -79.40 5.11 37.44
N GLY A 46 -78.23 5.73 37.53
CA GLY A 46 -77.06 5.26 36.80
C GLY A 46 -76.19 6.35 36.17
N GLN A 47 -75.19 5.94 35.39
CA GLN A 47 -74.35 6.90 34.69
C GLN A 47 -75.19 7.44 33.55
N GLY A 48 -75.20 8.75 33.38
CA GLY A 48 -76.03 9.32 32.33
C GLY A 48 -77.36 9.69 32.94
N ALA A 49 -77.59 9.14 34.13
CA ALA A 49 -78.82 9.41 34.88
C ALA A 49 -78.50 10.39 35.97
N ASP A 50 -78.34 9.88 37.19
CA ASP A 50 -78.00 10.71 38.33
C ASP A 50 -76.48 10.70 38.50
N ASN A 51 -75.84 9.72 37.86
CA ASN A 51 -74.38 9.59 37.92
C ASN A 51 -73.77 10.24 36.68
N PRO A 52 -72.53 10.72 36.81
CA PRO A 52 -71.80 11.39 35.71
C PRO A 52 -71.88 10.60 34.39
N PRO A 53 -72.29 11.18 33.27
CA PRO A 53 -72.92 12.40 32.76
C PRO A 53 -74.29 12.52 33.40
N GLN A 54 -74.44 13.43 34.33
CA GLN A 54 -75.76 13.55 34.87
C GLN A 54 -76.76 14.26 33.93
N GLY A 55 -77.98 13.73 33.90
CA GLY A 55 -79.06 14.34 33.14
C GLY A 55 -79.21 14.13 31.65
N VAL A 56 -78.71 13.02 31.12
CA VAL A 56 -78.87 12.77 29.71
C VAL A 56 -80.23 12.17 29.50
N PHE A 57 -80.65 11.39 30.50
CA PHE A 57 -81.94 10.74 30.47
C PHE A 57 -82.66 11.05 31.76
N ARG A 58 -83.98 11.16 31.69
CA ARG A 58 -84.81 11.43 32.85
C ARG A 58 -86.20 10.85 32.61
N ILE A 59 -86.88 10.51 33.70
CA ILE A 59 -88.19 9.93 33.58
C ILE A 59 -89.26 10.74 34.31
N GLU A 60 -90.47 10.70 33.77
CA GLU A 60 -91.62 11.41 34.32
C GLU A 60 -92.26 10.60 35.44
N TRP A 61 -91.85 10.92 36.66
CA TRP A 61 -92.33 10.22 37.85
C TRP A 61 -93.77 9.77 37.80
N GLU A 62 -94.63 10.50 37.11
CA GLU A 62 -96.03 10.08 37.10
C GLU A 62 -96.54 9.31 35.88
N THR A 63 -95.89 9.46 34.74
CA THR A 63 -96.36 8.73 33.55
C THR A 63 -95.56 7.46 33.31
N GLY A 64 -94.25 7.60 33.48
CA GLY A 64 -93.38 6.45 33.28
C GLY A 64 -92.69 6.54 31.94
N TRP A 65 -92.56 7.75 31.41
CA TRP A 65 -91.89 7.95 30.14
C TRP A 65 -90.40 8.20 30.33
N MET A 66 -89.61 7.66 29.40
CA MET A 66 -88.17 7.82 29.44
C MET A 66 -87.76 8.66 28.26
N LEU A 67 -86.86 9.60 28.48
CA LEU A 67 -86.44 10.49 27.43
C LEU A 67 -84.95 10.70 27.32
N VAL A 68 -84.54 11.10 26.12
CA VAL A 68 -83.16 11.46 25.86
C VAL A 68 -83.33 12.98 25.85
N THR A 69 -82.48 13.66 26.58
CA THR A 69 -82.58 15.09 26.68
C THR A 69 -81.72 15.87 25.67
N ARG A 70 -80.63 15.29 25.20
CA ARG A 70 -79.78 16.00 24.25
C ARG A 70 -79.03 15.05 23.32
N PRO A 71 -78.38 15.59 22.29
CA PRO A 71 -77.61 14.81 21.31
C PRO A 71 -76.46 14.02 21.96
N LEU A 72 -75.99 12.98 21.28
CA LEU A 72 -74.90 12.16 21.81
C LEU A 72 -73.83 11.82 20.76
N ASP A 73 -72.65 11.45 21.24
CA ASP A 73 -71.54 11.04 20.38
C ASP A 73 -71.04 9.69 20.88
N ARG A 74 -71.27 8.64 20.10
CA ARG A 74 -70.84 7.30 20.47
C ARG A 74 -69.36 7.30 20.71
N GLU A 75 -68.66 8.16 19.98
CA GLU A 75 -67.23 8.27 20.11
C GLU A 75 -66.84 8.58 21.55
N GLU A 76 -67.74 9.26 22.27
CA GLU A 76 -67.53 9.63 23.68
C GLU A 76 -67.94 8.45 24.55
N TYR A 77 -69.23 8.11 24.51
CA TYR A 77 -69.77 6.96 25.25
C TYR A 77 -70.64 6.21 24.23
N ASP A 78 -70.33 4.93 23.98
CA ASP A 78 -71.09 4.15 23.01
C ASP A 78 -72.20 3.28 23.61
N LYS A 79 -72.42 3.40 24.91
CA LYS A 79 -73.45 2.60 25.55
C LYS A 79 -73.71 3.06 26.97
N TYR A 80 -74.93 2.81 27.43
CA TYR A 80 -75.38 3.18 28.77
C TYR A 80 -76.20 2.06 29.38
N VAL A 81 -76.16 1.96 30.69
CA VAL A 81 -76.93 0.94 31.39
C VAL A 81 -77.59 1.69 32.52
N LEU A 82 -78.88 1.47 32.70
CA LEU A 82 -79.63 2.16 33.71
C LEU A 82 -80.53 1.29 34.58
N SER A 83 -80.85 1.78 35.77
CA SER A 83 -81.72 1.07 36.71
C SER A 83 -82.98 1.91 37.02
N SER A 84 -84.15 1.29 36.82
CA SER A 84 -85.44 1.95 37.02
C SER A 84 -86.18 1.54 38.31
N HIS A 85 -86.86 2.50 38.93
CA HIS A 85 -87.56 2.25 40.18
C HIS A 85 -89.03 2.71 40.26
N ALA A 86 -89.73 2.19 41.25
CA ALA A 86 -91.13 2.53 41.48
C ALA A 86 -91.52 2.35 42.96
N VAL A 87 -91.71 3.47 43.66
CA VAL A 87 -92.10 3.44 45.07
C VAL A 87 -93.51 3.98 45.24
N SER A 88 -94.10 3.66 46.39
CA SER A 88 -95.46 4.08 46.74
C SER A 88 -95.42 5.43 47.42
N GLU A 89 -96.57 6.11 47.46
CA GLU A 89 -96.60 7.39 48.12
C GLU A 89 -96.23 7.17 49.58
N ASN A 90 -96.76 6.12 50.18
CA ASN A 90 -96.44 5.85 51.57
C ASN A 90 -94.93 5.80 51.72
N GLY A 91 -94.25 5.34 50.68
CA GLY A 91 -92.78 5.29 50.73
C GLY A 91 -92.11 3.95 50.49
N SER A 92 -92.88 2.90 50.23
CA SER A 92 -92.25 1.61 50.00
C SER A 92 -92.09 1.23 48.54
N PRO A 93 -90.97 0.59 48.21
CA PRO A 93 -90.68 0.14 46.87
C PRO A 93 -91.68 -0.96 46.56
N VAL A 94 -92.03 -1.12 45.29
CA VAL A 94 -93.03 -2.13 44.92
C VAL A 94 -92.47 -3.22 44.03
N GLU A 95 -91.59 -2.83 43.11
CA GLU A 95 -91.00 -3.77 42.18
C GLU A 95 -89.49 -3.80 42.29
N GLU A 96 -88.93 -4.98 42.16
CA GLU A 96 -87.49 -5.15 42.21
C GLU A 96 -87.12 -4.26 41.04
N PRO A 97 -86.11 -3.39 41.21
CA PRO A 97 -85.70 -2.50 40.12
C PRO A 97 -85.60 -3.17 38.75
N MET A 98 -85.28 -2.41 37.71
CA MET A 98 -85.15 -2.99 36.39
C MET A 98 -84.02 -2.39 35.55
N GLU A 99 -83.09 -3.24 35.13
CA GLU A 99 -81.95 -2.85 34.33
C GLU A 99 -82.41 -2.33 32.96
N ILE A 100 -81.71 -1.33 32.43
CA ILE A 100 -82.06 -0.74 31.14
C ILE A 100 -80.83 -0.44 30.29
N THR A 101 -80.87 -0.85 29.02
CA THR A 101 -79.73 -0.64 28.15
C THR A 101 -79.97 0.15 26.87
N ILE A 102 -78.98 0.95 26.52
CA ILE A 102 -79.03 1.78 25.32
C ILE A 102 -77.73 1.69 24.54
N ASN A 103 -77.85 1.36 23.25
CA ASN A 103 -76.67 1.26 22.39
C ASN A 103 -76.67 2.44 21.43
N VAL A 104 -75.49 3.09 21.29
CA VAL A 104 -75.38 4.24 20.41
C VAL A 104 -74.75 3.90 19.06
N ILE A 105 -75.60 3.91 18.03
CA ILE A 105 -75.24 3.57 16.65
C ILE A 105 -74.36 4.62 15.97
N ASP A 106 -73.26 4.15 15.39
CA ASP A 106 -72.28 5.01 14.74
C ASP A 106 -72.76 5.78 13.53
N GLN A 107 -72.15 6.94 13.34
CA GLN A 107 -72.42 7.82 12.22
C GLN A 107 -71.10 8.38 11.73
N ASN A 108 -71.01 8.53 10.41
CA ASN A 108 -69.81 9.02 9.78
C ASN A 108 -69.49 10.48 10.13
N ASP A 109 -69.01 10.70 11.34
CA ASP A 109 -68.69 12.04 11.78
C ASP A 109 -67.19 12.25 11.82
N ASN A 110 -66.46 11.17 11.56
CA ASN A 110 -65.01 11.25 11.62
C ASN A 110 -64.19 11.12 10.35
N ARG A 111 -63.34 12.12 10.14
CA ARG A 111 -62.42 12.17 9.01
C ARG A 111 -61.21 11.35 9.42
N PRO A 112 -60.56 10.67 8.46
CA PRO A 112 -59.39 9.87 8.83
C PRO A 112 -58.15 10.72 9.16
N LYS A 113 -57.04 10.07 9.50
CA LYS A 113 -55.80 10.79 9.83
C LYS A 113 -54.54 9.92 9.64
N PHE A 114 -53.53 10.48 9.00
CA PHE A 114 -52.30 9.71 8.77
C PHE A 114 -51.51 9.41 10.05
N THR A 115 -50.95 8.21 10.10
CA THR A 115 -50.15 7.78 11.25
C THR A 115 -49.11 8.83 11.61
N GLN A 116 -48.32 9.24 10.62
CA GLN A 116 -47.30 10.26 10.83
C GLN A 116 -47.69 11.48 10.01
N ASP A 117 -46.95 12.57 10.15
CA ASP A 117 -47.28 13.76 9.39
C ASP A 117 -46.50 13.72 8.07
N VAL A 118 -45.45 12.89 8.06
CA VAL A 118 -44.59 12.72 6.88
C VAL A 118 -43.82 11.40 6.97
N PHE A 119 -43.87 10.63 5.90
CA PHE A 119 -43.17 9.35 5.82
C PHE A 119 -42.01 9.51 4.85
N ARG A 120 -40.91 8.82 5.10
CA ARG A 120 -39.75 8.91 4.21
C ARG A 120 -39.38 7.55 3.62
N GLY A 121 -38.72 7.56 2.47
CA GLY A 121 -38.34 6.31 1.84
C GLY A 121 -37.10 6.42 0.97
N SER A 122 -36.58 5.27 0.54
CA SER A 122 -35.40 5.22 -0.30
C SER A 122 -35.28 3.92 -1.08
N VAL A 123 -34.76 4.04 -2.30
CA VAL A 123 -34.56 2.90 -3.20
C VAL A 123 -33.37 3.19 -4.11
N ARG A 124 -32.75 2.14 -4.65
CA ARG A 124 -31.61 2.32 -5.55
C ARG A 124 -32.03 2.50 -7.00
N GLU A 125 -31.31 3.37 -7.69
CA GLU A 125 -31.60 3.71 -9.07
C GLU A 125 -31.68 2.58 -10.11
N GLY A 126 -30.85 1.55 -9.99
CA GLY A 126 -30.90 0.52 -11.00
C GLY A 126 -31.89 -0.63 -10.89
N VAL A 127 -32.73 -0.64 -9.86
CA VAL A 127 -33.67 -1.75 -9.65
C VAL A 127 -34.80 -1.92 -10.67
N GLN A 128 -35.39 -3.13 -10.66
CA GLN A 128 -36.45 -3.50 -11.59
C GLN A 128 -37.89 -3.19 -11.23
N PRO A 129 -38.73 -2.91 -12.25
CA PRO A 129 -40.15 -2.59 -12.03
C PRO A 129 -40.83 -3.72 -11.29
N GLY A 130 -41.63 -3.36 -10.27
CA GLY A 130 -42.34 -4.34 -9.46
C GLY A 130 -41.64 -4.54 -8.12
N THR A 131 -40.94 -3.50 -7.69
CA THR A 131 -40.17 -3.54 -6.45
C THR A 131 -40.77 -2.69 -5.33
N GLN A 132 -41.00 -3.33 -4.19
CA GLN A 132 -41.58 -2.65 -3.03
C GLN A 132 -40.64 -1.64 -2.36
N VAL A 133 -41.12 -0.40 -2.25
CA VAL A 133 -40.34 0.68 -1.63
C VAL A 133 -40.72 1.02 -0.18
N MET A 134 -41.70 1.91 -0.02
CA MET A 134 -42.17 2.37 1.28
C MET A 134 -43.40 1.64 1.82
N ALA A 135 -44.05 2.32 2.76
CA ALA A 135 -45.25 1.85 3.44
C ALA A 135 -45.86 3.05 4.19
N VAL A 136 -47.16 3.23 4.07
CA VAL A 136 -47.84 4.35 4.72
C VAL A 136 -49.09 3.96 5.52
N SER A 137 -49.34 4.67 6.63
CA SER A 137 -50.48 4.41 7.52
C SER A 137 -51.40 5.61 7.79
N ALA A 138 -52.58 5.30 8.32
CA ALA A 138 -53.61 6.30 8.65
C ALA A 138 -54.83 5.60 9.27
N THR A 139 -55.68 6.36 9.95
CA THR A 139 -56.88 5.80 10.60
C THR A 139 -58.13 6.69 10.66
N ASP A 140 -59.27 6.03 10.89
CA ASP A 140 -60.57 6.69 11.03
C ASP A 140 -61.08 6.14 12.36
N GLU A 141 -61.72 6.99 13.18
CA GLU A 141 -62.22 6.53 14.49
C GLU A 141 -63.64 5.95 14.51
N ASP A 142 -64.44 6.21 13.46
CA ASP A 142 -65.82 5.68 13.37
C ASP A 142 -65.81 4.16 13.27
N ASP A 143 -66.97 3.54 13.26
CA ASP A 143 -67.01 2.09 13.17
C ASP A 143 -66.34 1.59 11.90
N ASN A 144 -65.89 0.34 11.93
CA ASN A 144 -65.20 -0.31 10.82
C ASN A 144 -65.36 -1.83 11.00
N ILE A 145 -66.50 -2.22 11.55
CA ILE A 145 -66.75 -3.63 11.79
C ILE A 145 -68.19 -3.99 11.41
N ASP A 146 -68.95 -2.98 11.01
CA ASP A 146 -70.33 -3.16 10.61
C ASP A 146 -70.71 -2.11 9.58
N SER A 147 -69.79 -1.16 9.40
CA SER A 147 -69.95 -0.07 8.43
C SER A 147 -68.64 0.13 7.71
N LEU A 148 -68.61 1.14 6.85
CA LEU A 148 -67.40 1.48 6.09
C LEU A 148 -66.97 2.84 6.58
N ASN A 149 -67.67 3.33 7.60
CA ASN A 149 -67.39 4.63 8.22
C ASN A 149 -65.95 4.70 8.70
N GLY A 150 -65.27 3.55 8.73
CA GLY A 150 -63.91 3.52 9.22
C GLY A 150 -62.88 2.74 8.42
N VAL A 151 -63.20 2.38 7.18
CA VAL A 151 -62.25 1.65 6.32
C VAL A 151 -61.77 2.61 5.25
N LEU A 152 -60.46 2.64 5.08
CA LEU A 152 -59.86 3.54 4.11
C LEU A 152 -59.38 2.88 2.83
N SER A 153 -59.14 3.74 1.86
CA SER A 153 -58.64 3.33 0.56
C SER A 153 -57.54 4.33 0.25
N TYR A 154 -56.34 3.82 0.02
CA TYR A 154 -55.18 4.67 -0.26
C TYR A 154 -54.97 5.00 -1.75
N SER A 155 -54.31 6.12 -2.01
CA SER A 155 -54.03 6.57 -3.36
C SER A 155 -52.92 7.63 -3.43
N ILE A 156 -52.52 7.97 -4.65
CA ILE A 156 -51.46 8.96 -4.89
C ILE A 156 -51.94 9.92 -5.96
N LEU A 157 -51.56 11.19 -5.86
CA LEU A 157 -51.99 12.15 -6.87
C LEU A 157 -51.01 13.24 -7.33
N LYS A 158 -49.74 13.10 -7.00
CA LYS A 158 -48.76 14.09 -7.44
C LYS A 158 -47.34 13.79 -6.98
N GLN A 159 -46.50 13.28 -7.89
CA GLN A 159 -45.10 13.00 -7.57
C GLN A 159 -44.37 14.20 -8.11
N ASP A 160 -43.46 14.84 -7.37
CA ASP A 160 -42.86 15.98 -8.01
C ASP A 160 -41.82 15.59 -9.08
N PRO A 161 -40.97 16.52 -9.56
CA PRO A 161 -40.10 16.01 -10.61
C PRO A 161 -40.89 15.08 -11.47
N GLU A 162 -41.90 15.70 -12.05
CA GLU A 162 -42.85 15.08 -12.98
C GLU A 162 -42.03 14.66 -14.19
N GLU A 163 -40.75 14.41 -13.94
CA GLU A 163 -39.79 14.07 -14.99
C GLU A 163 -38.90 12.97 -14.44
N PRO A 164 -38.48 12.03 -15.29
CA PRO A 164 -38.52 11.66 -16.71
C PRO A 164 -39.95 11.52 -17.24
N ILE A 165 -40.77 10.85 -16.44
CA ILE A 165 -42.16 10.58 -16.73
C ILE A 165 -42.78 10.79 -15.38
N PRO A 166 -44.10 10.81 -15.33
CA PRO A 166 -44.70 11.01 -14.03
C PRO A 166 -45.46 9.82 -13.42
N ASN A 167 -45.08 8.58 -13.73
CA ASN A 167 -45.76 7.43 -13.14
C ASN A 167 -44.77 6.38 -12.65
N LEU A 168 -43.79 6.80 -11.88
CA LEU A 168 -42.82 5.84 -11.39
C LEU A 168 -43.38 4.85 -10.36
N PHE A 169 -44.45 5.23 -9.67
CA PHE A 169 -45.03 4.36 -8.64
C PHE A 169 -46.54 4.23 -8.57
N THR A 170 -46.95 3.29 -7.73
CA THR A 170 -48.36 3.00 -7.46
C THR A 170 -48.39 2.62 -6.00
N ILE A 171 -49.60 2.56 -5.46
CA ILE A 171 -49.80 2.20 -4.06
C ILE A 171 -50.93 1.19 -3.97
N ASN A 172 -50.81 0.22 -3.07
CA ASN A 172 -51.85 -0.78 -2.87
C ASN A 172 -52.98 -0.09 -2.12
N ARG A 173 -54.13 0.09 -2.76
CA ARG A 173 -55.28 0.76 -2.13
C ARG A 173 -55.70 0.26 -0.75
N GLU A 174 -55.63 -1.05 -0.54
CA GLU A 174 -56.01 -1.65 0.73
C GLU A 174 -54.92 -1.57 1.79
N THR A 175 -53.68 -1.91 1.42
CA THR A 175 -52.56 -1.90 2.38
C THR A 175 -51.77 -0.60 2.48
N GLY A 176 -51.82 0.22 1.43
CA GLY A 176 -51.10 1.47 1.45
C GLY A 176 -49.62 1.33 1.14
N VAL A 177 -49.21 0.18 0.62
CA VAL A 177 -47.80 -0.05 0.28
C VAL A 177 -47.50 0.50 -1.10
N ILE A 178 -46.31 1.04 -1.28
CA ILE A 178 -45.94 1.61 -2.56
C ILE A 178 -44.88 0.77 -3.26
N SER A 179 -44.94 0.74 -4.59
CA SER A 179 -43.96 -0.01 -5.36
C SER A 179 -43.51 0.73 -6.63
N LEU A 180 -42.34 0.36 -7.14
CA LEU A 180 -41.84 0.95 -8.36
C LEU A 180 -42.56 0.27 -9.49
N ILE A 181 -43.17 1.07 -10.35
CA ILE A 181 -43.93 0.56 -11.47
C ILE A 181 -43.20 0.81 -12.80
N GLY A 182 -42.63 2.00 -12.96
CA GLY A 182 -41.93 2.35 -14.18
C GLY A 182 -40.44 2.07 -14.20
N THR A 183 -39.71 2.71 -15.13
CA THR A 183 -38.26 2.54 -15.28
C THR A 183 -37.54 3.81 -15.77
N GLY A 184 -36.42 4.15 -15.14
CA GLY A 184 -35.69 5.33 -15.58
C GLY A 184 -35.06 6.11 -14.46
N LEU A 185 -34.93 5.45 -13.30
CA LEU A 185 -34.38 6.07 -12.10
C LEU A 185 -32.92 6.40 -12.18
N ASP A 186 -32.59 7.64 -11.89
CA ASP A 186 -31.19 7.99 -11.94
C ASP A 186 -30.90 8.93 -10.82
N ARG A 187 -29.98 8.51 -9.95
CA ARG A 187 -29.59 9.36 -8.83
C ARG A 187 -28.89 10.56 -9.43
N GLU A 188 -28.08 10.31 -10.44
CA GLU A 188 -27.32 11.37 -11.07
C GLU A 188 -28.10 12.56 -11.63
N LYS A 189 -29.36 12.38 -12.03
CA LYS A 189 -30.19 13.49 -12.57
C LYS A 189 -31.33 13.94 -11.66
N PHE A 190 -32.07 12.97 -11.11
CA PHE A 190 -33.22 13.23 -10.22
C PHE A 190 -33.11 12.25 -9.06
N PRO A 191 -32.54 12.68 -7.93
CA PRO A 191 -32.38 11.82 -6.75
C PRO A 191 -33.46 11.73 -5.69
N GLU A 192 -34.40 12.67 -5.64
CA GLU A 192 -35.43 12.61 -4.60
C GLU A 192 -36.84 13.07 -4.94
N TYR A 193 -37.78 12.14 -4.97
CA TYR A 193 -39.17 12.46 -5.29
C TYR A 193 -40.04 12.74 -4.09
N THR A 194 -41.02 13.59 -4.29
CA THR A 194 -41.92 13.99 -3.25
C THR A 194 -43.33 13.81 -3.80
N LEU A 195 -44.02 12.79 -3.31
CA LEU A 195 -45.36 12.51 -3.78
C LEU A 195 -46.43 12.68 -2.71
N THR A 196 -47.61 13.13 -3.15
CA THR A 196 -48.74 13.38 -2.28
C THR A 196 -49.75 12.23 -2.26
N VAL A 197 -50.07 11.77 -1.05
CA VAL A 197 -51.02 10.68 -0.89
C VAL A 197 -52.30 11.14 -0.19
N GLN A 198 -53.35 10.33 -0.36
CA GLN A 198 -54.66 10.58 0.20
C GLN A 198 -55.32 9.26 0.65
N ALA A 199 -56.14 9.34 1.70
CA ALA A 199 -56.86 8.18 2.23
C ALA A 199 -58.35 8.52 2.32
N THR A 200 -59.20 7.54 2.03
CA THR A 200 -60.62 7.85 2.07
C THR A 200 -61.60 6.90 2.77
N ASP A 201 -62.66 7.54 3.26
CA ASP A 201 -63.76 6.92 3.96
C ASP A 201 -64.50 5.98 3.04
N LEU A 202 -65.10 4.94 3.62
CA LEU A 202 -65.91 4.00 2.86
C LEU A 202 -65.23 3.42 1.64
N GLU A 203 -63.98 3.00 1.77
CA GLU A 203 -63.26 2.45 0.64
C GLU A 203 -63.26 3.46 -0.48
N GLY A 204 -62.56 4.57 -0.24
CA GLY A 204 -62.45 5.61 -1.23
C GLY A 204 -63.68 6.44 -1.51
N ALA A 205 -64.79 6.13 -0.84
CA ALA A 205 -66.05 6.86 -1.08
C ALA A 205 -66.34 8.09 -0.22
N GLY A 206 -66.04 8.01 1.08
CA GLY A 206 -66.34 9.12 1.96
C GLY A 206 -65.50 10.38 1.91
N LEU A 207 -64.81 10.63 3.01
CA LEU A 207 -63.99 11.81 3.15
C LEU A 207 -62.52 11.47 2.95
N SER A 208 -61.74 12.48 2.60
CA SER A 208 -60.34 12.25 2.31
C SER A 208 -59.39 13.25 2.98
N VAL A 209 -58.11 12.88 3.02
CA VAL A 209 -57.06 13.71 3.64
C VAL A 209 -55.74 13.52 2.92
N GLU A 210 -54.74 14.33 3.29
CA GLU A 210 -53.44 14.21 2.66
C GLU A 210 -52.29 13.98 3.58
N GLY A 211 -51.26 13.45 2.93
CA GLY A 211 -50.01 13.18 3.60
C GLY A 211 -48.92 13.61 2.64
N LYS A 212 -47.73 13.09 2.89
CA LYS A 212 -46.57 13.39 2.09
C LYS A 212 -45.56 12.31 2.41
N ALA A 213 -45.02 11.71 1.34
CA ALA A 213 -44.02 10.68 1.43
C ALA A 213 -42.89 11.14 0.53
N ILE A 214 -41.66 11.01 1.00
CA ILE A 214 -40.51 11.45 0.22
C ILE A 214 -39.49 10.35 0.06
N ILE A 215 -39.14 10.11 -1.19
CA ILE A 215 -38.22 9.05 -1.51
C ILE A 215 -36.88 9.49 -2.08
N GLN A 216 -35.83 9.02 -1.43
CA GLN A 216 -34.49 9.30 -1.90
C GLN A 216 -34.05 8.06 -2.67
N ILE A 217 -33.19 8.28 -3.65
CA ILE A 217 -32.71 7.21 -4.51
C ILE A 217 -31.24 6.83 -4.28
N THR A 218 -31.00 5.63 -3.75
CA THR A 218 -29.65 5.13 -3.48
C THR A 218 -28.82 5.27 -4.77
N ASP A 219 -27.52 4.94 -4.72
CA ASP A 219 -26.68 5.10 -5.90
C ASP A 219 -26.35 3.80 -6.61
N ALA A 220 -25.99 3.93 -7.88
CA ALA A 220 -25.60 2.79 -8.69
C ALA A 220 -24.40 3.17 -9.54
N ASN A 221 -23.65 2.15 -9.97
CA ASN A 221 -22.44 2.34 -10.78
C ASN A 221 -22.85 2.57 -12.24
N ASP A 222 -23.75 3.51 -12.44
CA ASP A 222 -24.22 3.84 -13.77
C ASP A 222 -23.04 4.39 -14.55
N ASN A 223 -22.11 5.05 -13.88
CA ASN A 223 -21.01 5.68 -14.60
C ASN A 223 -19.61 5.09 -14.59
N ALA A 224 -18.90 5.34 -15.68
CA ALA A 224 -17.53 4.90 -15.86
C ALA A 224 -16.63 6.12 -15.64
N PRO A 225 -15.33 5.90 -15.42
CA PRO A 225 -14.36 6.99 -15.21
C PRO A 225 -13.89 7.62 -16.53
N ILE A 226 -13.71 8.95 -16.55
CA ILE A 226 -13.24 9.65 -17.75
C ILE A 226 -12.05 10.59 -17.50
N PHE A 227 -10.94 10.36 -18.20
CA PHE A 227 -9.66 11.11 -18.07
C PHE A 227 -9.51 12.61 -18.28
N ASP A 228 -9.12 13.57 -17.41
CA ASP A 228 -9.15 14.71 -18.32
C ASP A 228 -8.11 15.05 -19.46
N PRO A 229 -7.05 14.26 -19.55
CA PRO A 229 -6.32 14.67 -20.77
C PRO A 229 -6.59 13.31 -21.32
N LYS A 230 -6.30 13.06 -22.58
CA LYS A 230 -6.46 11.70 -23.16
C LYS A 230 -5.06 11.19 -23.51
N THR A 231 -4.18 12.14 -23.80
CA THR A 231 -2.77 11.91 -24.16
C THR A 231 -1.80 12.91 -23.47
N TYR A 232 -0.91 12.43 -22.61
CA TYR A 232 0.06 13.29 -21.89
C TYR A 232 1.50 13.12 -22.38
N THR A 233 2.42 13.90 -21.78
CA THR A 233 3.87 13.76 -22.06
C THR A 233 4.74 14.24 -20.89
N ALA A 234 5.89 13.63 -20.71
CA ALA A 234 6.75 14.04 -19.63
C ALA A 234 8.16 13.65 -19.99
N LEU A 235 9.12 14.30 -19.35
CA LEU A 235 10.53 14.05 -19.60
C LEU A 235 11.13 13.31 -18.42
N VAL A 236 12.23 12.60 -18.66
CA VAL A 236 12.85 11.85 -17.59
C VAL A 236 14.34 11.59 -17.76
N PRO A 237 15.05 11.41 -16.65
CA PRO A 237 16.46 11.13 -16.41
C PRO A 237 16.75 9.65 -16.16
N GLU A 238 17.87 9.23 -16.71
CA GLU A 238 18.37 7.87 -16.65
C GLU A 238 18.54 7.20 -15.28
N ASN A 239 19.35 7.81 -14.43
CA ASN A 239 19.71 7.17 -13.16
C ASN A 239 19.95 7.72 -11.73
N GLU A 240 18.94 7.86 -10.89
CA GLU A 240 19.21 8.26 -9.49
C GLU A 240 18.33 7.15 -8.99
N ILE A 241 17.19 7.34 -9.65
CA ILE A 241 15.88 6.77 -9.76
C ILE A 241 15.03 5.55 -9.52
N GLY A 242 13.83 6.05 -9.21
CA GLY A 242 12.58 5.42 -8.87
C GLY A 242 11.99 6.81 -8.69
N PHE A 243 11.22 7.33 -9.64
CA PHE A 243 10.72 8.70 -9.50
C PHE A 243 9.47 9.09 -10.32
N GLU A 244 8.69 10.02 -9.75
CA GLU A 244 7.43 10.54 -10.32
C GLU A 244 7.49 11.18 -11.70
N VAL A 245 6.95 10.49 -12.70
CA VAL A 245 6.93 11.00 -14.07
C VAL A 245 5.85 12.05 -14.34
N GLN A 246 4.58 11.65 -14.23
CA GLN A 246 3.46 12.55 -14.47
C GLN A 246 2.25 12.05 -13.70
N ARG A 247 1.34 12.98 -13.38
CA ARG A 247 0.10 12.65 -12.68
C ARG A 247 -1.04 12.77 -13.68
N LEU A 248 -2.14 12.05 -13.43
CA LEU A 248 -3.28 12.09 -14.34
C LEU A 248 -4.62 12.46 -13.71
N SER A 249 -5.51 13.05 -14.51
CA SER A 249 -6.82 13.49 -14.04
C SER A 249 -7.99 12.73 -14.66
N VAL A 250 -9.09 12.60 -13.91
CA VAL A 250 -10.29 11.88 -14.35
C VAL A 250 -11.57 12.31 -13.60
N THR A 251 -12.73 11.89 -14.13
CA THR A 251 -14.01 12.20 -13.48
C THR A 251 -15.14 11.17 -13.64
N ASP A 252 -15.31 10.32 -12.62
CA ASP A 252 -16.37 9.30 -12.57
C ASP A 252 -17.49 10.16 -11.98
N LEU A 253 -18.74 9.79 -12.22
CA LEU A 253 -19.84 10.61 -11.71
C LEU A 253 -20.74 10.05 -10.63
N ASP A 254 -20.50 8.82 -10.21
CA ASP A 254 -21.33 8.26 -9.16
C ASP A 254 -20.89 8.93 -7.84
N MET A 255 -21.25 8.35 -6.69
CA MET A 255 -20.94 8.93 -5.36
C MET A 255 -19.51 8.87 -4.77
N PRO A 256 -18.82 10.03 -4.69
CA PRO A 256 -17.47 10.33 -4.19
C PRO A 256 -16.71 9.44 -3.22
N GLY A 257 -17.10 9.39 -1.96
CA GLY A 257 -16.35 8.54 -1.05
C GLY A 257 -16.51 7.06 -1.33
N THR A 258 -17.23 6.77 -2.41
CA THR A 258 -17.55 5.39 -2.81
C THR A 258 -16.70 4.70 -3.87
N PRO A 259 -16.60 3.36 -3.76
CA PRO A 259 -15.88 2.42 -4.63
C PRO A 259 -16.39 2.46 -6.07
N ALA A 260 -17.36 3.32 -6.32
CA ALA A 260 -17.92 3.50 -7.64
C ALA A 260 -17.34 4.85 -8.05
N TRP A 261 -16.34 5.29 -7.29
CA TRP A 261 -15.69 6.55 -7.56
C TRP A 261 -14.16 6.43 -7.38
N GLN A 262 -13.69 5.30 -6.87
CA GLN A 262 -12.24 5.12 -6.72
C GLN A 262 -11.69 4.45 -7.99
N ALA A 263 -10.65 5.07 -8.54
CA ALA A 263 -9.98 4.62 -9.76
C ALA A 263 -8.92 3.55 -9.52
N VAL A 264 -8.81 2.64 -10.47
CA VAL A 264 -7.82 1.57 -10.44
C VAL A 264 -7.17 1.57 -11.80
N TYR A 265 -5.84 1.56 -11.83
CA TYR A 265 -5.16 1.57 -13.11
C TYR A 265 -4.34 0.35 -13.46
N LYS A 266 -3.51 0.53 -14.48
CA LYS A 266 -2.64 -0.51 -14.98
C LYS A 266 -2.23 -0.11 -16.37
N ILE A 267 -1.00 -0.48 -16.73
CA ILE A 267 -0.48 -0.21 -18.05
C ILE A 267 -0.90 -1.43 -18.83
N ARG A 268 -0.92 -1.33 -20.15
CA ARG A 268 -1.28 -2.48 -20.95
C ARG A 268 -0.02 -3.36 -21.08
N VAL A 269 1.07 -2.76 -21.56
CA VAL A 269 2.32 -3.47 -21.75
C VAL A 269 3.49 -2.79 -21.04
N ASN A 270 4.16 -3.53 -20.15
CA ASN A 270 5.30 -3.01 -19.37
C ASN A 270 6.61 -3.50 -20.02
N GLU A 271 7.13 -2.73 -20.97
CA GLU A 271 8.36 -3.05 -21.71
C GLU A 271 9.38 -3.93 -21.01
N GLY A 272 10.05 -3.38 -20.01
CA GLY A 272 11.04 -4.13 -19.26
C GLY A 272 10.43 -4.23 -17.89
N GLY A 273 9.16 -3.90 -17.82
CA GLY A 273 8.47 -3.96 -16.56
C GLY A 273 9.10 -2.97 -15.63
N PHE A 274 9.39 -1.78 -16.16
CA PHE A 274 9.99 -0.77 -15.34
C PHE A 274 9.09 0.39 -15.01
N PHE A 275 7.85 0.08 -14.65
CA PHE A 275 6.90 1.11 -14.30
C PHE A 275 5.87 0.65 -13.34
N ASN A 276 5.58 1.54 -12.41
CA ASN A 276 4.56 1.26 -11.46
C ASN A 276 3.63 2.46 -11.38
N ILE A 277 2.36 2.23 -11.09
CA ILE A 277 1.42 3.35 -11.01
C ILE A 277 0.45 3.12 -9.89
N THR A 278 0.32 4.13 -9.04
CA THR A 278 -0.59 4.01 -7.94
C THR A 278 -1.72 5.00 -8.14
N THR A 279 -2.68 4.92 -7.25
CA THR A 279 -3.87 5.72 -7.27
C THR A 279 -3.89 6.56 -5.99
N ASP A 280 -4.60 7.69 -5.98
CA ASP A 280 -4.62 8.51 -4.76
C ASP A 280 -5.94 9.20 -4.42
N PRO A 281 -6.44 9.04 -3.19
CA PRO A 281 -7.69 9.67 -2.75
C PRO A 281 -7.66 11.20 -2.71
N GLU A 282 -7.33 11.82 -3.84
CA GLU A 282 -7.30 13.28 -3.95
C GLU A 282 -8.44 13.60 -4.93
N SER A 283 -8.19 13.35 -6.21
CA SER A 283 -9.21 13.49 -7.24
C SER A 283 -8.79 12.20 -7.89
N ASN A 284 -8.45 11.27 -6.99
CA ASN A 284 -7.94 9.94 -7.30
C ASN A 284 -7.27 9.94 -8.66
N GLN A 285 -6.29 10.82 -8.76
CA GLN A 285 -5.50 11.00 -9.95
C GLN A 285 -4.63 9.78 -10.13
N GLY A 286 -4.14 9.61 -11.35
CA GLY A 286 -3.26 8.49 -11.66
C GLY A 286 -1.83 8.98 -11.51
N ILE A 287 -1.13 8.41 -10.54
CA ILE A 287 0.24 8.82 -10.30
C ILE A 287 1.19 7.75 -10.80
N LEU A 288 1.87 8.05 -11.91
CA LEU A 288 2.81 7.12 -12.54
C LEU A 288 4.25 7.39 -12.12
N THR A 289 5.05 6.32 -12.02
CA THR A 289 6.45 6.43 -11.63
C THR A 289 7.34 5.40 -12.32
N THR A 290 8.63 5.50 -12.02
CA THR A 290 9.65 4.60 -12.57
C THR A 290 9.90 3.45 -11.64
N ALA A 291 9.80 2.24 -12.18
CA ALA A 291 10.02 1.05 -11.38
C ALA A 291 11.50 0.80 -11.09
N LYS A 292 12.32 0.73 -12.13
CA LYS A 292 13.74 0.48 -11.90
C LYS A 292 14.73 1.32 -12.69
N GLY A 293 14.78 2.62 -12.38
CA GLY A 293 15.68 3.50 -13.10
C GLY A 293 15.63 3.22 -14.58
N LEU A 294 16.35 3.99 -15.38
CA LEU A 294 16.34 3.66 -16.78
C LEU A 294 17.79 3.60 -17.09
N ASP A 295 18.16 3.84 -18.32
CA ASP A 295 19.55 3.72 -18.59
C ASP A 295 19.80 4.32 -19.90
N PHE A 296 19.10 5.35 -20.36
CA PHE A 296 19.64 5.46 -21.65
C PHE A 296 19.81 6.33 -22.80
N GLU A 297 20.56 5.55 -23.54
CA GLU A 297 21.15 5.69 -24.81
C GLU A 297 20.55 4.48 -25.55
N LEU A 298 19.62 3.77 -24.91
CA LEU A 298 19.00 2.62 -25.55
C LEU A 298 17.64 2.98 -26.15
N ARG A 299 16.88 3.79 -25.42
CA ARG A 299 15.56 4.23 -25.87
C ARG A 299 15.22 5.65 -25.43
N LYS A 300 14.47 6.35 -26.26
CA LYS A 300 14.05 7.71 -25.95
C LYS A 300 12.53 7.73 -25.92
N GLN A 301 11.92 6.80 -26.66
CA GLN A 301 10.47 6.75 -26.72
C GLN A 301 9.76 5.70 -25.89
N TYR A 302 8.61 6.12 -25.40
CA TYR A 302 7.75 5.29 -24.60
C TYR A 302 6.28 5.59 -24.83
N VAL A 303 5.63 4.70 -25.59
CA VAL A 303 4.21 4.80 -25.90
C VAL A 303 3.52 3.69 -25.14
N LEU A 304 2.82 4.06 -24.08
CA LEU A 304 2.12 3.09 -23.25
C LEU A 304 0.71 3.60 -22.95
N GLN A 305 -0.18 2.69 -22.61
CA GLN A 305 -1.56 3.05 -22.31
C GLN A 305 -2.06 2.52 -20.97
N ILE A 306 -2.86 3.34 -20.29
CA ILE A 306 -3.43 2.96 -19.01
C ILE A 306 -4.94 3.07 -19.01
N THR A 307 -5.58 1.98 -18.65
CA THR A 307 -7.03 1.95 -18.56
C THR A 307 -7.40 2.19 -17.10
N VAL A 308 -8.60 2.68 -16.88
CA VAL A 308 -9.07 2.96 -15.53
C VAL A 308 -10.44 2.36 -15.24
N GLU A 309 -10.53 1.69 -14.10
CA GLU A 309 -11.76 1.07 -13.65
C GLU A 309 -12.11 1.62 -12.28
N ASN A 310 -13.14 1.02 -11.69
CA ASN A 310 -13.59 1.37 -10.35
C ASN A 310 -13.21 0.13 -9.57
N ALA A 311 -13.37 0.17 -8.26
CA ALA A 311 -13.04 -0.98 -7.42
C ALA A 311 -14.08 -2.09 -7.62
N GLU A 312 -15.36 -1.70 -7.62
CA GLU A 312 -16.47 -2.63 -7.79
C GLU A 312 -16.93 -2.66 -9.26
N PRO A 313 -17.33 -3.84 -9.76
CA PRO A 313 -17.78 -4.04 -11.15
C PRO A 313 -18.85 -3.03 -11.56
N PHE A 314 -19.25 -3.06 -12.84
CA PHE A 314 -20.27 -2.13 -13.29
C PHE A 314 -21.64 -2.73 -13.43
N SER A 315 -22.58 -1.88 -13.07
CA SER A 315 -23.99 -2.18 -13.10
C SER A 315 -24.52 -2.07 -14.52
N VAL A 316 -23.63 -2.09 -15.51
CA VAL A 316 -24.03 -1.95 -16.92
C VAL A 316 -22.82 -2.03 -17.85
N PRO A 317 -23.03 -2.45 -19.11
CA PRO A 317 -21.87 -2.50 -20.00
C PRO A 317 -21.46 -1.06 -20.19
N LEU A 318 -20.18 -0.79 -20.22
CA LEU A 318 -19.76 0.59 -20.37
C LEU A 318 -18.49 0.64 -21.14
N PRO A 319 -18.09 1.84 -21.56
CA PRO A 319 -16.85 1.96 -22.31
C PRO A 319 -15.63 2.15 -21.39
N THR A 320 -14.63 1.28 -21.54
CA THR A 320 -13.41 1.35 -20.75
C THR A 320 -12.55 2.45 -21.38
N SER A 321 -12.16 3.48 -20.64
CA SER A 321 -11.35 4.44 -21.34
C SER A 321 -9.93 4.70 -20.93
N THR A 322 -9.05 4.42 -21.88
CA THR A 322 -7.59 4.55 -21.82
C THR A 322 -7.00 5.91 -22.04
N ALA A 323 -5.79 6.02 -21.55
CA ALA A 323 -5.03 7.22 -21.67
C ALA A 323 -3.72 6.78 -22.34
N THR A 324 -3.40 7.43 -23.45
CA THR A 324 -2.19 7.11 -24.21
C THR A 324 -1.07 8.11 -23.86
N VAL A 325 0.09 7.62 -23.41
CA VAL A 325 1.19 8.51 -23.00
C VAL A 325 2.63 8.33 -23.49
N THR A 326 3.26 9.47 -23.75
CA THR A 326 4.62 9.57 -24.26
C THR A 326 5.73 10.10 -23.41
N VAL A 327 6.76 9.28 -23.28
CA VAL A 327 7.89 9.64 -22.46
C VAL A 327 9.21 9.82 -23.19
N THR A 328 10.02 10.74 -22.65
CA THR A 328 11.33 11.05 -23.21
C THR A 328 12.40 11.07 -22.13
N VAL A 329 13.47 10.31 -22.36
CA VAL A 329 14.56 10.20 -21.40
C VAL A 329 15.70 11.19 -21.61
N GLU A 330 15.89 12.10 -20.65
CA GLU A 330 16.96 13.10 -20.69
C GLU A 330 18.27 12.36 -20.47
N ASP A 331 19.37 12.97 -20.89
CA ASP A 331 20.65 12.28 -20.72
C ASP A 331 21.56 12.80 -19.63
N VAL A 332 22.21 11.85 -18.97
CA VAL A 332 23.19 12.11 -17.95
C VAL A 332 24.36 11.39 -18.52
N ASN A 333 25.53 11.95 -18.27
CA ASN A 333 26.74 11.46 -18.86
C ASN A 333 27.62 10.74 -17.83
N GLU A 334 27.96 9.48 -18.11
CA GLU A 334 28.78 8.68 -17.19
C GLU A 334 30.28 8.55 -17.41
N ALA A 335 30.94 8.11 -16.34
CA ALA A 335 32.37 7.92 -16.31
C ALA A 335 32.89 6.92 -17.34
N PRO A 336 34.14 7.12 -17.78
CA PRO A 336 34.79 6.24 -18.76
C PRO A 336 35.41 5.07 -17.99
N PHE A 337 35.96 4.12 -18.73
CA PHE A 337 36.57 2.95 -18.10
C PHE A 337 37.70 2.40 -18.97
N PHE A 338 38.80 2.01 -18.33
CA PHE A 338 39.88 1.41 -19.10
C PHE A 338 39.16 0.14 -19.49
N VAL A 339 39.59 -0.54 -20.54
CA VAL A 339 38.89 -1.74 -20.86
C VAL A 339 39.16 -2.76 -19.75
N PRO A 340 40.24 -3.55 -19.86
CA PRO A 340 40.40 -4.49 -18.76
C PRO A 340 41.03 -3.94 -17.51
N ALA A 341 41.51 -4.92 -16.76
CA ALA A 341 42.16 -4.74 -15.52
C ALA A 341 43.26 -5.70 -15.84
N VAL A 342 44.32 -5.09 -16.32
CA VAL A 342 45.48 -5.74 -16.90
C VAL A 342 46.67 -6.48 -16.27
N SER A 343 46.75 -7.77 -16.63
CA SER A 343 47.82 -8.69 -16.25
C SER A 343 48.42 -8.62 -17.63
N ARG A 344 49.16 -7.55 -17.91
CA ARG A 344 49.63 -7.42 -19.26
C ARG A 344 51.04 -7.76 -19.61
N VAL A 345 51.93 -6.87 -19.20
CA VAL A 345 53.32 -6.92 -19.56
C VAL A 345 54.34 -7.82 -18.89
N ASP A 346 54.55 -9.01 -19.44
CA ASP A 346 55.59 -9.89 -18.93
C ASP A 346 56.83 -9.18 -19.49
N VAL A 347 57.40 -8.27 -18.69
CA VAL A 347 58.57 -7.47 -19.08
C VAL A 347 59.79 -7.72 -18.19
N SER A 348 60.98 -7.68 -18.79
CA SER A 348 62.21 -7.91 -18.03
C SER A 348 62.76 -6.69 -17.30
N GLU A 349 63.63 -6.98 -16.32
CA GLU A 349 64.29 -5.99 -15.47
C GLU A 349 65.23 -5.01 -16.19
N ASP A 350 65.77 -5.43 -17.34
CA ASP A 350 66.71 -4.61 -18.13
C ASP A 350 66.06 -3.46 -18.90
N LEU A 351 64.77 -3.21 -18.70
CA LEU A 351 64.15 -2.15 -19.47
C LEU A 351 64.77 -0.77 -19.30
N SER A 352 64.91 -0.13 -20.45
CA SER A 352 65.47 1.20 -20.60
C SER A 352 64.53 2.31 -20.15
N ARG A 353 64.93 3.00 -19.07
CA ARG A 353 64.17 4.10 -18.49
C ARG A 353 63.58 5.06 -19.52
N GLY A 354 62.35 4.75 -19.94
CA GLY A 354 61.65 5.57 -20.92
C GLY A 354 61.30 4.71 -22.13
N GLU A 355 60.70 3.55 -21.87
CA GLU A 355 60.32 2.64 -22.96
C GLU A 355 58.88 2.14 -22.89
N LYS A 356 58.28 1.98 -24.06
CA LYS A 356 56.90 1.53 -24.18
C LYS A 356 56.59 0.20 -23.50
N ILE A 357 55.74 0.24 -22.48
CA ILE A 357 55.34 -0.97 -21.77
C ILE A 357 53.92 -1.36 -22.20
N ILE A 358 52.98 -0.50 -21.86
CA ILE A 358 51.59 -0.75 -22.18
C ILE A 358 50.88 0.43 -22.79
N SER A 359 50.70 0.36 -24.10
CA SER A 359 50.00 1.39 -24.82
C SER A 359 48.56 0.97 -24.54
N LEU A 360 47.86 1.72 -23.70
CA LEU A 360 46.49 1.36 -23.35
C LEU A 360 45.43 2.38 -23.76
N VAL A 361 44.17 1.94 -23.67
CA VAL A 361 43.01 2.77 -23.99
C VAL A 361 41.85 2.48 -23.06
N ALA A 362 41.00 3.47 -22.90
CA ALA A 362 39.82 3.37 -22.05
C ALA A 362 38.64 3.79 -22.90
N GLN A 363 37.43 3.37 -22.52
CA GLN A 363 36.23 3.74 -23.26
C GLN A 363 35.22 4.47 -22.37
N ASP A 364 34.42 5.33 -22.98
CA ASP A 364 33.39 6.09 -22.27
C ASP A 364 32.05 5.87 -23.00
N PRO A 365 30.99 5.56 -22.22
CA PRO A 365 29.61 5.30 -22.63
C PRO A 365 28.89 6.26 -23.59
N ASP A 366 28.44 7.39 -23.06
CA ASP A 366 27.70 8.39 -23.80
C ASP A 366 28.07 8.70 -25.25
N LYS A 367 27.32 8.15 -26.22
CA LYS A 367 27.60 8.49 -27.61
C LYS A 367 26.92 9.85 -27.70
N GLN A 368 27.69 10.85 -27.34
CA GLN A 368 27.34 12.25 -27.32
C GLN A 368 28.80 12.63 -27.34
N GLN A 369 29.57 11.54 -27.35
CA GLN A 369 31.02 11.53 -27.33
C GLN A 369 31.68 12.63 -28.13
N ILE A 370 31.93 13.71 -27.40
CA ILE A 370 32.57 14.94 -27.82
C ILE A 370 32.84 15.44 -26.41
N GLN A 371 33.70 14.68 -25.76
CA GLN A 371 34.10 14.86 -24.39
C GLN A 371 35.35 14.00 -24.24
N LYS A 372 36.52 14.58 -24.09
CA LYS A 372 37.57 13.65 -23.84
C LYS A 372 38.00 13.71 -22.41
N LEU A 373 38.93 12.83 -22.13
CA LEU A 373 39.43 12.64 -20.81
C LEU A 373 40.94 12.73 -20.71
N SER A 374 41.40 12.64 -19.48
CA SER A 374 42.82 12.67 -19.20
C SER A 374 43.23 11.46 -18.36
N TYR A 375 44.31 10.82 -18.77
CA TYR A 375 44.83 9.65 -18.08
C TYR A 375 45.83 10.01 -16.98
N PHE A 376 45.47 9.60 -15.77
CA PHE A 376 46.28 9.86 -14.59
C PHE A 376 46.61 8.51 -13.97
N ILE A 377 47.77 8.41 -13.33
CA ILE A 377 48.09 7.15 -12.69
C ILE A 377 47.68 7.34 -11.25
N GLY A 378 47.92 6.33 -10.42
CA GLY A 378 47.50 6.47 -9.04
C GLY A 378 48.03 5.54 -7.98
N ASN A 379 47.79 4.23 -8.05
CA ASN A 379 48.30 3.43 -6.95
C ASN A 379 49.79 3.47 -6.79
N ASP A 380 50.38 2.73 -5.84
CA ASP A 380 51.77 3.09 -5.72
C ASP A 380 53.09 2.61 -5.10
N PRO A 381 53.29 1.38 -4.56
CA PRO A 381 54.71 1.54 -4.20
C PRO A 381 55.60 2.23 -5.25
N ALA A 382 56.78 2.69 -4.82
CA ALA A 382 57.51 3.62 -5.67
C ALA A 382 57.94 3.71 -7.13
N ARG A 383 57.71 4.98 -7.46
CA ARG A 383 57.92 5.73 -8.67
C ARG A 383 58.87 5.23 -9.74
N TRP A 384 58.28 4.65 -10.78
CA TRP A 384 59.01 4.14 -11.93
C TRP A 384 58.37 4.70 -13.17
N LEU A 385 57.25 4.06 -13.45
CA LEU A 385 56.36 4.28 -14.57
C LEU A 385 55.82 5.66 -14.85
N THR A 386 55.50 5.88 -16.13
CA THR A 386 54.88 7.13 -16.50
C THR A 386 54.02 7.17 -17.75
N VAL A 387 52.96 7.93 -17.55
CA VAL A 387 51.87 8.16 -18.47
C VAL A 387 51.76 9.47 -19.20
N ASN A 388 51.34 9.36 -20.45
CA ASN A 388 51.07 10.52 -21.27
C ASN A 388 49.59 10.60 -20.92
N LYS A 389 49.18 11.72 -20.33
CA LYS A 389 47.79 11.89 -19.93
C LYS A 389 46.75 12.08 -21.04
N ASP A 390 47.18 12.63 -22.17
CA ASP A 390 46.26 12.88 -23.29
C ASP A 390 46.34 11.82 -24.36
N ASN A 391 46.92 10.67 -24.00
CA ASN A 391 47.07 9.58 -24.96
C ASN A 391 47.25 8.24 -24.28
N GLY A 392 47.07 8.24 -22.97
CA GLY A 392 47.21 7.00 -22.21
C GLY A 392 48.31 6.09 -22.71
N ILE A 393 49.55 6.48 -22.44
CA ILE A 393 50.69 5.66 -22.84
C ILE A 393 51.53 5.41 -21.60
N VAL A 394 51.64 4.16 -21.22
CA VAL A 394 52.43 3.81 -20.06
C VAL A 394 53.81 3.38 -20.50
N THR A 395 54.79 4.20 -20.14
CA THR A 395 56.18 3.95 -20.44
C THR A 395 56.84 3.51 -19.15
N GLY A 396 58.10 3.11 -19.25
CA GLY A 396 58.79 2.66 -18.05
C GLY A 396 60.04 3.45 -17.76
N ASN A 397 59.95 4.33 -16.77
CA ASN A 397 61.10 5.11 -16.38
C ASN A 397 61.67 4.38 -15.17
N GLY A 398 62.92 4.66 -14.81
CA GLY A 398 63.51 4.04 -13.65
C GLY A 398 64.26 2.73 -13.73
N ASN A 399 64.81 2.39 -12.57
CA ASN A 399 65.57 1.18 -12.39
C ASN A 399 64.62 0.29 -11.63
N LEU A 400 64.48 -0.91 -12.13
CA LEU A 400 63.62 -1.88 -11.53
C LEU A 400 64.59 -2.96 -11.08
N ASP A 401 64.07 -4.00 -10.46
CA ASP A 401 64.90 -5.08 -9.99
C ASP A 401 63.97 -6.16 -9.47
N ARG A 402 63.74 -7.16 -10.30
CA ARG A 402 62.86 -8.27 -9.96
C ARG A 402 63.23 -8.76 -8.60
N GLU A 403 64.52 -8.74 -8.35
CA GLU A 403 65.04 -9.25 -7.12
C GLU A 403 64.55 -8.81 -5.78
N SER A 404 63.84 -7.70 -5.61
CA SER A 404 63.65 -7.56 -4.19
C SER A 404 62.71 -7.01 -3.19
N GLU A 405 61.99 -5.95 -3.37
CA GLU A 405 61.37 -5.69 -2.10
C GLU A 405 59.94 -5.73 -1.93
N TYR A 406 59.30 -5.02 -2.83
CA TYR A 406 57.87 -4.90 -2.87
C TYR A 406 57.43 -6.18 -3.53
N VAL A 407 58.11 -6.53 -4.62
CA VAL A 407 57.76 -7.72 -5.34
C VAL A 407 57.55 -8.84 -4.33
N LYS A 408 56.34 -9.40 -4.34
CA LYS A 408 55.94 -10.47 -3.42
C LYS A 408 55.95 -11.78 -4.17
N ASN A 409 54.81 -12.20 -4.74
CA ASN A 409 54.92 -13.41 -5.52
C ASN A 409 55.59 -12.75 -6.71
N ASN A 410 55.75 -13.44 -7.82
CA ASN A 410 56.44 -12.80 -8.95
C ASN A 410 55.85 -11.45 -9.42
N THR A 411 54.95 -10.87 -8.62
CA THR A 411 54.26 -9.61 -8.95
C THR A 411 54.80 -8.20 -8.65
N TYR A 412 53.95 -7.28 -9.08
CA TYR A 412 54.02 -5.85 -8.89
C TYR A 412 52.69 -5.39 -9.47
N THR A 413 51.79 -5.00 -8.61
CA THR A 413 50.46 -4.58 -9.00
C THR A 413 50.33 -3.09 -8.78
N VAL A 414 49.71 -2.45 -9.76
CA VAL A 414 49.53 -1.01 -9.72
C VAL A 414 48.17 -0.67 -10.30
N ILE A 415 47.54 0.35 -9.73
CA ILE A 415 46.25 0.79 -10.19
C ILE A 415 46.38 2.21 -10.72
N MET A 416 45.53 2.56 -11.70
CA MET A 416 45.57 3.88 -12.30
C MET A 416 44.20 4.45 -12.56
N LEU A 417 44.15 5.72 -12.95
CA LEU A 417 42.88 6.39 -13.22
C LEU A 417 42.73 7.06 -14.59
N VAL A 418 41.52 7.55 -14.84
CA VAL A 418 41.18 8.25 -16.08
C VAL A 418 39.95 9.12 -15.77
N THR A 419 39.90 10.33 -16.31
CA THR A 419 38.78 11.23 -16.01
C THR A 419 37.95 11.78 -17.16
N ASP A 420 36.63 11.74 -16.97
CA ASP A 420 35.65 12.21 -17.93
C ASP A 420 35.47 13.73 -17.87
N ASP A 421 36.06 14.40 -18.85
CA ASP A 421 35.95 15.86 -18.95
C ASP A 421 35.34 16.13 -20.32
N GLY A 422 35.49 17.35 -20.81
CA GLY A 422 34.91 17.67 -22.10
C GLY A 422 33.63 18.38 -21.81
N VAL A 423 32.83 17.79 -20.92
CA VAL A 423 31.57 18.41 -20.53
C VAL A 423 31.11 18.26 -19.04
N SER A 424 31.64 17.31 -18.26
CA SER A 424 31.25 17.27 -16.83
C SER A 424 32.13 16.60 -15.74
N VAL A 425 32.10 15.28 -15.56
CA VAL A 425 32.93 14.62 -14.51
C VAL A 425 33.16 13.11 -14.73
N GLY A 426 34.18 12.54 -14.06
CA GLY A 426 34.42 11.10 -14.21
C GLY A 426 35.67 10.45 -13.64
N THR A 427 35.52 9.16 -13.28
CA THR A 427 36.59 8.34 -12.72
C THR A 427 36.61 6.96 -13.22
N GLY A 428 37.82 6.41 -13.31
CA GLY A 428 37.94 5.06 -13.79
C GLY A 428 39.00 4.25 -13.09
N THR A 429 38.59 3.40 -12.16
CA THR A 429 39.58 2.62 -11.48
C THR A 429 39.89 1.29 -12.04
N GLY A 430 41.12 1.25 -12.53
CA GLY A 430 41.63 0.05 -13.16
C GLY A 430 42.96 -0.44 -12.62
N THR A 431 42.96 -1.70 -12.23
CA THR A 431 44.15 -2.35 -11.70
C THR A 431 45.02 -2.80 -12.82
N LEU A 432 46.29 -2.92 -12.49
CA LEU A 432 47.28 -3.34 -13.44
C LEU A 432 48.40 -4.17 -12.83
N ILE A 433 48.43 -5.46 -13.17
CA ILE A 433 49.46 -6.36 -12.71
C ILE A 433 50.41 -6.53 -13.89
N LEU A 434 51.70 -6.37 -13.66
CA LEU A 434 52.70 -6.53 -14.71
C LEU A 434 53.75 -7.56 -14.31
N HIS A 435 53.89 -8.59 -15.13
CA HIS A 435 54.83 -9.66 -14.87
C HIS A 435 56.29 -9.22 -15.00
N VAL A 436 57.00 -9.11 -13.89
CA VAL A 436 58.40 -8.71 -13.93
C VAL A 436 59.20 -9.96 -14.27
N LEU A 437 60.44 -9.80 -14.73
CA LEU A 437 61.23 -10.97 -15.15
C LEU A 437 62.63 -11.13 -14.59
N ASP A 438 63.20 -12.31 -14.78
CA ASP A 438 64.53 -12.47 -14.26
C ASP A 438 65.75 -12.42 -15.14
N VAL A 439 66.70 -11.79 -14.49
CA VAL A 439 68.05 -11.45 -14.91
C VAL A 439 68.93 -12.03 -13.81
N ASN A 440 70.17 -12.39 -14.13
CA ASN A 440 71.06 -12.91 -13.10
C ASN A 440 71.88 -11.71 -12.61
N ASP A 441 71.39 -11.04 -11.58
CA ASP A 441 72.07 -9.88 -11.02
C ASP A 441 73.20 -10.36 -10.13
N ASN A 442 72.84 -10.56 -8.86
CA ASN A 442 73.75 -10.98 -7.82
C ASN A 442 74.52 -12.26 -8.12
N GLY A 443 75.41 -12.59 -7.17
CA GLY A 443 76.21 -13.79 -7.25
C GLY A 443 76.30 -14.41 -5.86
N PRO A 444 76.74 -15.68 -5.76
CA PRO A 444 76.91 -16.49 -4.53
C PRO A 444 77.50 -15.82 -3.28
N VAL A 445 77.05 -16.27 -2.10
CA VAL A 445 77.53 -15.74 -0.81
C VAL A 445 77.43 -16.74 0.37
N PRO A 446 78.47 -16.77 1.24
CA PRO A 446 78.59 -17.64 2.42
C PRO A 446 77.59 -17.35 3.54
N SER A 447 77.07 -18.42 4.15
CA SER A 447 76.10 -18.30 5.22
C SER A 447 76.63 -17.67 6.51
N PRO A 448 77.46 -18.39 7.28
CA PRO A 448 77.95 -17.73 8.49
C PRO A 448 79.17 -16.88 8.12
N ARG A 449 79.30 -15.72 8.75
CA ARG A 449 80.44 -14.85 8.45
C ARG A 449 81.51 -14.81 9.53
N VAL A 450 81.25 -15.42 10.68
CA VAL A 450 82.26 -15.45 11.74
C VAL A 450 82.29 -16.80 12.44
N PHE A 451 83.50 -17.35 12.53
CA PHE A 451 83.68 -18.65 13.17
C PHE A 451 84.19 -18.53 14.57
N THR A 452 84.45 -19.71 15.10
CA THR A 452 84.99 -19.92 16.41
C THR A 452 85.71 -21.23 16.20
N MET A 453 86.94 -21.15 15.69
CA MET A 453 87.71 -22.35 15.44
C MET A 453 88.37 -22.79 16.72
N CYS A 454 88.87 -24.01 16.74
CA CYS A 454 89.56 -24.42 17.92
C CYS A 454 91.07 -24.54 17.66
N ASP A 455 91.81 -24.89 18.69
CA ASP A 455 93.27 -24.95 18.64
C ASP A 455 93.92 -26.27 18.22
N GLN A 456 94.02 -27.20 19.16
CA GLN A 456 94.65 -28.49 18.87
C GLN A 456 94.26 -29.13 17.55
N ASN A 457 92.96 -29.33 17.32
CA ASN A 457 92.49 -29.96 16.08
C ASN A 457 91.08 -29.53 15.67
N PRO A 458 90.93 -28.31 15.13
CA PRO A 458 89.63 -27.77 14.68
C PRO A 458 88.93 -28.65 13.64
N GLU A 459 87.63 -28.87 13.80
CA GLU A 459 86.90 -29.67 12.82
C GLU A 459 86.39 -28.73 11.74
N PRO A 460 86.11 -29.25 10.53
CA PRO A 460 85.61 -28.44 9.41
C PRO A 460 84.60 -27.38 9.79
N GLN A 461 84.83 -26.16 9.32
CA GLN A 461 83.92 -25.06 9.58
C GLN A 461 82.90 -25.07 8.46
N VAL A 462 81.69 -25.53 8.75
CA VAL A 462 80.66 -25.58 7.73
C VAL A 462 80.26 -24.17 7.32
N LEU A 463 80.10 -23.99 6.02
CA LEU A 463 79.73 -22.70 5.44
C LEU A 463 78.88 -23.08 4.23
N THR A 464 77.96 -22.20 3.82
CA THR A 464 77.13 -22.51 2.67
C THR A 464 77.03 -21.36 1.67
N ILE A 465 76.21 -21.56 0.65
CA ILE A 465 76.04 -20.57 -0.42
C ILE A 465 74.58 -20.21 -0.75
N SER A 466 74.37 -18.94 -1.12
CA SER A 466 73.04 -18.40 -1.45
C SER A 466 73.05 -17.37 -2.58
N ASP A 467 72.11 -17.49 -3.51
CA ASP A 467 71.99 -16.58 -4.66
C ASP A 467 70.61 -15.89 -4.65
N ALA A 468 70.57 -14.61 -5.01
CA ALA A 468 69.31 -13.86 -5.02
C ALA A 468 68.55 -14.11 -6.31
N ASP A 469 69.23 -14.76 -7.25
CA ASP A 469 68.63 -15.01 -8.52
C ASP A 469 67.70 -16.21 -8.56
N ILE A 470 66.99 -16.30 -9.69
CA ILE A 470 66.11 -17.37 -9.87
C ILE A 470 66.79 -18.34 -10.82
N PRO A 471 66.49 -19.68 -10.66
CA PRO A 471 67.11 -20.69 -11.54
C PRO A 471 66.90 -20.46 -13.09
N PRO A 472 67.93 -20.92 -13.85
CA PRO A 472 69.15 -21.71 -13.75
C PRO A 472 70.23 -20.94 -13.00
N ASN A 473 70.17 -19.63 -13.14
CA ASN A 473 71.05 -18.62 -12.54
C ASN A 473 71.76 -18.86 -11.19
N THR A 474 71.46 -19.96 -10.53
CA THR A 474 72.10 -20.26 -9.26
C THR A 474 72.54 -21.71 -9.28
N TYR A 475 72.50 -22.30 -10.46
CA TYR A 475 72.92 -23.68 -10.62
C TYR A 475 74.33 -23.69 -10.02
N PRO A 476 74.92 -24.88 -9.88
CA PRO A 476 76.25 -25.13 -9.34
C PRO A 476 77.45 -24.18 -9.46
N TYR A 477 78.29 -24.38 -8.45
CA TYR A 477 79.45 -23.58 -8.19
C TYR A 477 80.87 -23.93 -8.54
N LYS A 478 81.69 -23.00 -8.12
CA LYS A 478 83.12 -23.04 -8.31
C LYS A 478 83.66 -22.14 -7.20
N VAL A 479 84.25 -22.76 -6.18
CA VAL A 479 84.83 -22.07 -5.02
C VAL A 479 86.28 -21.64 -5.33
N SER A 480 86.69 -20.48 -4.80
CA SER A 480 88.04 -19.94 -5.06
C SER A 480 88.58 -19.11 -3.87
N LEU A 481 89.85 -19.31 -3.57
CA LEU A 481 90.50 -18.58 -2.46
C LEU A 481 91.66 -17.68 -2.97
N SER A 482 91.39 -16.36 -2.97
CA SER A 482 92.25 -15.26 -3.45
C SER A 482 93.64 -14.84 -2.96
N HIS A 483 93.82 -13.93 -2.00
CA HIS A 483 95.25 -13.71 -1.68
C HIS A 483 95.68 -14.89 -0.80
N GLY A 484 95.06 -15.06 0.36
CA GLY A 484 95.40 -16.22 1.17
C GLY A 484 94.81 -17.54 0.70
N SER A 485 95.33 -18.11 -0.40
CA SER A 485 94.86 -19.39 -0.94
C SER A 485 95.75 -20.37 -0.22
N ASP A 486 96.58 -19.79 0.64
CA ASP A 486 97.55 -20.51 1.43
C ASP A 486 98.11 -19.60 2.55
N LEU A 487 97.42 -19.59 3.69
CA LEU A 487 97.73 -18.86 4.98
C LEU A 487 97.04 -19.98 5.65
N THR A 488 96.95 -20.91 4.72
CA THR A 488 96.35 -22.20 4.85
C THR A 488 94.89 -22.26 5.08
N TRP A 489 94.27 -22.54 3.96
CA TRP A 489 92.88 -22.64 3.88
C TRP A 489 92.61 -23.48 2.66
N LYS A 490 91.76 -24.50 2.87
CA LYS A 490 91.37 -25.39 1.81
C LYS A 490 89.88 -25.66 1.82
N ALA A 491 89.40 -25.32 0.64
CA ALA A 491 88.04 -25.31 0.12
C ALA A 491 87.31 -26.61 -0.16
N GLU A 492 85.99 -26.61 0.01
CA GLU A 492 85.27 -27.82 -0.31
C GLU A 492 83.76 -27.76 -0.39
N LEU A 493 83.22 -28.58 -1.28
CA LEU A 493 81.78 -28.65 -1.49
C LEU A 493 81.11 -29.88 -0.93
N ASP A 494 79.89 -29.68 -0.45
CA ASP A 494 79.07 -30.75 0.07
C ASP A 494 78.64 -31.47 -1.19
N SER A 495 78.33 -32.76 -1.08
CA SER A 495 77.89 -33.53 -2.24
C SER A 495 76.56 -33.01 -2.75
N LYS A 496 75.58 -32.88 -1.86
CA LYS A 496 74.27 -32.39 -2.26
C LYS A 496 74.30 -30.88 -2.51
N GLY A 497 75.34 -30.44 -3.23
CA GLY A 497 75.49 -29.06 -3.63
C GLY A 497 75.80 -27.83 -2.77
N THR A 498 74.80 -27.37 -2.02
CA THR A 498 74.88 -26.13 -1.23
C THR A 498 75.99 -25.66 -0.28
N SER A 499 76.55 -26.51 0.57
CA SER A 499 77.58 -25.99 1.49
C SER A 499 79.01 -26.22 1.04
N MET A 500 79.94 -25.56 1.73
CA MET A 500 81.35 -25.71 1.43
C MET A 500 82.11 -26.01 2.74
N LEU A 501 83.12 -26.88 2.65
CA LEU A 501 83.93 -27.29 3.80
C LEU A 501 85.23 -26.50 3.87
N LEU A 502 85.35 -25.70 4.92
CA LEU A 502 86.52 -24.86 5.12
C LEU A 502 87.48 -25.40 6.18
N SER A 503 88.69 -25.73 5.76
CA SER A 503 89.69 -26.28 6.67
C SER A 503 91.12 -25.79 6.40
N PRO A 504 91.85 -25.44 7.47
CA PRO A 504 93.24 -24.97 7.33
C PRO A 504 94.10 -26.12 6.76
N THR A 505 95.41 -25.99 6.87
CA THR A 505 96.39 -27.00 6.42
C THR A 505 97.70 -26.71 7.19
N GLN A 506 97.65 -25.66 8.03
CA GLN A 506 98.76 -25.24 8.92
C GLN A 506 98.17 -25.27 10.35
N GLN A 507 99.01 -25.34 11.38
CA GLN A 507 98.56 -25.40 12.78
C GLN A 507 98.32 -24.01 13.42
N LEU A 508 98.18 -23.01 12.57
CA LEU A 508 98.03 -21.61 12.96
C LEU A 508 97.36 -21.07 14.24
N LYS A 509 97.84 -19.85 14.48
CA LYS A 509 97.59 -18.92 15.59
C LYS A 509 96.29 -18.56 16.29
N LYS A 510 96.56 -17.95 17.44
CA LYS A 510 95.61 -17.46 18.43
C LYS A 510 94.66 -16.32 18.07
N GLY A 511 93.58 -16.67 17.37
CA GLY A 511 92.55 -15.70 17.02
C GLY A 511 92.66 -14.56 16.01
N ASP A 512 91.49 -13.99 15.76
CA ASP A 512 91.22 -12.85 14.87
C ASP A 512 91.92 -12.71 13.51
N TYR A 513 91.35 -13.32 12.47
CA TYR A 513 91.88 -13.23 11.12
C TYR A 513 90.94 -13.82 10.06
N SER A 514 90.90 -13.14 8.91
CA SER A 514 90.03 -13.51 7.81
C SER A 514 90.55 -14.51 6.78
N ILE A 515 89.66 -14.83 5.84
CA ILE A 515 89.92 -15.74 4.73
C ILE A 515 89.15 -15.18 3.54
N TYR A 516 89.86 -14.81 2.49
CA TYR A 516 89.22 -14.25 1.29
C TYR A 516 88.54 -15.36 0.47
N VAL A 517 87.23 -15.23 0.24
CA VAL A 517 86.44 -16.21 -0.50
C VAL A 517 86.06 -15.69 -1.91
N LEU A 518 85.80 -16.61 -2.84
CA LEU A 518 85.44 -16.25 -4.22
C LEU A 518 84.68 -17.36 -4.95
N LEU A 519 83.42 -17.11 -5.30
CA LEU A 519 82.56 -18.11 -5.97
C LEU A 519 82.11 -17.73 -7.38
N SER A 520 81.19 -18.52 -7.92
CA SER A 520 80.66 -18.31 -9.26
C SER A 520 79.45 -19.22 -9.49
N ASP A 521 78.53 -18.83 -10.36
CA ASP A 521 77.32 -19.63 -10.61
C ASP A 521 76.87 -19.86 -12.07
N ALA A 522 77.34 -19.03 -12.99
CA ALA A 522 77.06 -19.12 -14.44
C ALA A 522 78.50 -18.77 -14.68
N GLN A 523 78.99 -18.13 -13.64
CA GLN A 523 80.32 -17.61 -13.40
C GLN A 523 80.04 -16.50 -12.44
N ASN A 524 79.53 -15.42 -13.01
CA ASN A 524 79.40 -14.16 -12.35
C ASN A 524 80.49 -13.85 -11.39
N ASN A 525 81.11 -14.90 -10.89
CA ASN A 525 82.34 -14.74 -10.15
C ASN A 525 82.45 -14.22 -8.77
N PRO A 526 81.33 -13.91 -8.15
CA PRO A 526 81.75 -13.43 -6.89
C PRO A 526 82.70 -13.86 -5.85
N GLN A 527 83.07 -12.59 -5.75
CA GLN A 527 84.00 -11.92 -4.97
C GLN A 527 83.33 -12.04 -3.75
N LEU A 528 83.92 -12.77 -2.89
CA LEU A 528 83.22 -12.55 -1.76
C LEU A 528 84.29 -12.10 -0.98
N THR A 529 84.45 -12.79 0.10
CA THR A 529 85.23 -11.99 0.82
C THR A 529 85.78 -12.67 1.97
N VAL A 530 85.82 -11.80 2.92
CA VAL A 530 86.28 -12.05 4.21
C VAL A 530 85.14 -12.64 4.98
N VAL A 531 85.48 -13.74 5.61
CA VAL A 531 84.59 -14.43 6.49
C VAL A 531 85.67 -14.68 7.55
N ASN A 532 85.81 -13.69 8.39
CA ASN A 532 86.79 -13.72 9.45
C ASN A 532 86.78 -14.95 10.31
N ALA A 533 87.84 -15.13 11.08
CA ALA A 533 87.92 -16.34 11.90
C ALA A 533 88.49 -16.19 13.30
N THR A 534 87.63 -16.25 14.32
CA THR A 534 88.08 -16.14 15.71
C THR A 534 88.44 -17.48 16.35
N VAL A 535 89.73 -17.66 16.62
CA VAL A 535 90.27 -18.88 17.21
C VAL A 535 90.63 -18.63 18.67
N CYS A 536 90.44 -19.68 19.49
CA CYS A 536 90.65 -19.64 20.94
C CYS A 536 91.07 -21.10 21.39
N SER A 537 92.00 -21.25 22.34
CA SER A 537 92.59 -22.56 22.82
C SER A 537 91.80 -23.89 22.88
N CYS A 538 92.43 -24.95 22.36
CA CYS A 538 91.60 -26.14 22.22
C CYS A 538 92.04 -27.54 21.74
N GLU A 539 91.02 -28.36 21.42
CA GLU A 539 91.21 -29.70 20.89
C GLU A 539 90.59 -29.83 19.50
N GLY A 540 89.29 -30.13 19.38
CA GLY A 540 88.78 -30.28 18.01
C GLY A 540 87.39 -29.87 17.59
N LYS A 541 86.55 -29.55 18.55
CA LYS A 541 85.21 -29.15 18.21
C LYS A 541 84.94 -27.67 18.33
N ALA A 542 84.29 -27.16 17.28
CA ALA A 542 83.91 -25.77 17.21
C ALA A 542 83.26 -25.37 18.53
N ILE A 543 83.98 -24.63 19.36
CA ILE A 543 83.47 -24.22 20.68
C ILE A 543 83.02 -22.75 20.84
N LYS A 544 82.26 -22.47 21.90
CA LYS A 544 81.79 -21.10 22.21
C LYS A 544 83.10 -20.39 22.56
N CYS A 545 83.34 -19.13 22.15
CA CYS A 545 84.68 -18.60 22.46
C CYS A 545 85.04 -17.78 23.72
N GLN A 546 85.58 -16.58 23.52
CA GLN A 546 86.07 -15.90 24.70
C GLN A 546 86.04 -14.38 24.88
#